data_7N3U
#
_entry.id   7N3U
#
_cell.length_a   45.920
_cell.length_b   50.510
_cell.length_c   119.580
_cell.angle_alpha   90.000
_cell.angle_beta   90.000
_cell.angle_gamma   90.000
#
_symmetry.space_group_name_H-M   'P 21 21 21'
#
loop_
_entity.id
_entity.type
_entity.pdbx_description
1 polymer 'Wee1-like protein kinase'
2 non-polymer 1-[(7R)-7-ethyl-7-hydroxy-6,7-dihydro-5H-cyclopenta[b]pyridin-2-yl]-6-[4-(4-methylpiperazin-1-yl)anilino]-2-(prop-2-en-1-yl)-1,2-dihydro-3H-pyrazolo[3,4-d]pyrimidin-3-one
3 water water
#
_entity_poly.entity_id   1
_entity_poly.type   'polypeptide(L)'
_entity_poly.pdbx_seq_one_letter_code
;MKSRYTTEFHELEKIGSGEFGSVFKCVKRLDGCIYAIKRSKKPLAGSVDEQNALREVYAHAVLGQHSHVVRYFSAWAEDD
HMLIQNEYCNGGSLADAISENYRIMSYFKEAELKDLLLQVGRGLRYIHSMSLVHMDIKPSNIFISRTSIPNAASEEGDED
DWASNKVMFKIGDLGHVTRISSPQVEEGDSRFLANEVLQENYTHLPKADIFALALTVVCAAGAEPLPRNGDQWHEIRQGR
LPRIPQVLSQEFTELLKVMIHPDPERRPSAMALVKHSVLLSASRK
;
_entity_poly.pdbx_strand_id   A
#
loop_
_chem_comp.id
_chem_comp.type
_chem_comp.name
_chem_comp.formula
05J non-polymer 1-[(7R)-7-ethyl-7-hydroxy-6,7-dihydro-5H-cyclopenta[b]pyridin-2-yl]-6-[4-(4-methylpiperazin-1-yl)anilino]-2-(prop-2-en-1-yl)-1,2-dihydro-3H-pyrazolo[3,4-d]pyrimidin-3-one 'C29 H34 N8 O2'
#
# COMPACT_ATOMS: atom_id res chain seq x y z
N SER A 3 -22.88 -23.06 -1.79
CA SER A 3 -21.94 -21.90 -1.79
C SER A 3 -21.58 -21.48 -0.37
N ARG A 4 -20.31 -21.56 0.00
CA ARG A 4 -19.80 -21.09 1.33
C ARG A 4 -20.02 -19.57 1.43
N TYR A 5 -19.74 -18.82 0.36
CA TYR A 5 -19.90 -17.35 0.25
C TYR A 5 -21.36 -16.99 0.55
N THR A 6 -22.26 -17.48 -0.31
CA THR A 6 -23.72 -17.20 -0.27
C THR A 6 -24.29 -17.61 1.09
N THR A 7 -23.61 -18.48 1.84
CA THR A 7 -24.06 -19.03 3.14
C THR A 7 -23.46 -18.22 4.30
N GLU A 8 -22.14 -18.13 4.41
CA GLU A 8 -21.45 -17.58 5.60
C GLU A 8 -21.61 -16.05 5.67
N PHE A 9 -21.84 -15.36 4.54
CA PHE A 9 -21.77 -13.87 4.43
C PHE A 9 -22.94 -13.31 3.63
N HIS A 10 -23.28 -12.05 3.86
CA HIS A 10 -24.37 -11.31 3.16
C HIS A 10 -23.83 -9.97 2.65
N GLU A 11 -24.02 -9.68 1.36
CA GLU A 11 -23.47 -8.49 0.66
C GLU A 11 -24.26 -7.25 1.04
N LEU A 12 -23.57 -6.20 1.51
CA LEU A 12 -24.14 -4.89 1.88
C LEU A 12 -23.80 -3.82 0.83
N GLU A 13 -22.64 -3.94 0.18
CA GLU A 13 -22.09 -2.86 -0.68
C GLU A 13 -20.96 -3.41 -1.54
N LYS A 14 -21.04 -3.16 -2.85
CA LYS A 14 -19.94 -3.23 -3.82
C LYS A 14 -19.03 -2.02 -3.56
N ILE A 15 -17.73 -2.22 -3.41
CA ILE A 15 -16.77 -1.12 -3.05
C ILE A 15 -15.58 -1.12 -4.00
N GLY A 16 -15.57 -2.05 -4.97
CA GLY A 16 -14.49 -2.25 -5.97
C GLY A 16 -14.98 -3.07 -7.14
N SER A 17 -14.57 -2.71 -8.36
CA SER A 17 -14.96 -3.35 -9.63
C SER A 17 -13.78 -3.26 -10.60
N GLY A 18 -13.44 -4.36 -11.28
CA GLY A 18 -12.35 -4.34 -12.27
C GLY A 18 -11.92 -5.72 -12.69
N GLU A 19 -10.73 -5.80 -13.29
CA GLU A 19 -10.14 -7.03 -13.86
C GLU A 19 -10.18 -8.11 -12.78
N PHE A 20 -9.52 -7.84 -11.65
CA PHE A 20 -9.55 -8.68 -10.42
C PHE A 20 -10.95 -9.31 -10.29
N GLY A 21 -11.98 -8.47 -10.44
CA GLY A 21 -13.39 -8.85 -10.27
C GLY A 21 -14.10 -7.79 -9.48
N SER A 22 -14.70 -8.17 -8.35
CA SER A 22 -15.51 -7.29 -7.47
C SER A 22 -15.10 -7.49 -6.01
N VAL A 23 -15.04 -6.40 -5.23
CA VAL A 23 -14.95 -6.43 -3.73
C VAL A 23 -16.29 -6.01 -3.13
N PHE A 24 -16.70 -6.62 -2.02
CA PHE A 24 -18.00 -6.39 -1.34
C PHE A 24 -17.83 -6.21 0.17
N LYS A 25 -18.42 -5.14 0.71
CA LYS A 25 -18.75 -5.00 2.15
C LYS A 25 -19.79 -6.08 2.50
N CYS A 26 -19.42 -7.02 3.37
CA CYS A 26 -20.24 -8.20 3.76
C CYS A 26 -20.25 -8.35 5.29
N VAL A 27 -21.27 -9.02 5.82
CA VAL A 27 -21.41 -9.41 7.25
C VAL A 27 -21.22 -10.92 7.34
N LYS A 28 -20.34 -11.41 8.21
CA LYS A 28 -20.29 -12.87 8.53
C LYS A 28 -21.56 -13.20 9.33
N ARG A 29 -22.40 -14.09 8.80
CA ARG A 29 -23.68 -14.51 9.43
C ARG A 29 -23.38 -15.01 10.84
N LEU A 30 -22.27 -15.74 11.03
CA LEU A 30 -21.90 -16.32 12.35
C LEU A 30 -21.63 -15.21 13.37
N ASP A 31 -20.79 -14.21 13.05
CA ASP A 31 -20.18 -13.30 14.06
C ASP A 31 -20.73 -11.87 13.97
N GLY A 32 -21.45 -11.52 12.90
CA GLY A 32 -22.06 -10.19 12.72
C GLY A 32 -21.04 -9.06 12.65
N CYS A 33 -19.79 -9.35 12.28
CA CYS A 33 -18.73 -8.34 11.98
C CYS A 33 -18.65 -8.15 10.47
N ILE A 34 -18.19 -6.97 10.03
CA ILE A 34 -18.12 -6.54 8.61
C ILE A 34 -16.75 -6.93 8.06
N TYR A 35 -16.73 -7.40 6.82
CA TYR A 35 -15.52 -7.89 6.11
C TYR A 35 -15.56 -7.39 4.67
N ALA A 36 -14.38 -7.11 4.11
CA ALA A 36 -14.15 -6.88 2.68
C ALA A 36 -13.78 -8.23 2.07
N ILE A 37 -14.57 -8.73 1.11
CA ILE A 37 -14.35 -10.03 0.42
C ILE A 37 -14.22 -9.75 -1.08
N LYS A 38 -13.13 -10.22 -1.69
CA LYS A 38 -12.86 -10.03 -3.13
C LYS A 38 -13.10 -11.36 -3.86
N ARG A 39 -13.75 -11.27 -5.02
CA ARG A 39 -14.13 -12.40 -5.89
C ARG A 39 -13.43 -12.23 -7.23
N SER A 40 -12.55 -13.17 -7.58
CA SER A 40 -11.71 -13.15 -8.80
C SER A 40 -11.88 -14.47 -9.56
N LYS A 41 -11.87 -14.41 -10.89
CA LYS A 41 -11.68 -15.60 -11.77
C LYS A 41 -10.37 -16.28 -11.33
N LYS A 42 -10.31 -17.60 -11.39
CA LYS A 42 -9.04 -18.37 -11.27
C LYS A 42 -8.05 -17.79 -12.28
N PRO A 43 -6.86 -17.31 -11.86
CA PRO A 43 -5.89 -16.76 -12.81
C PRO A 43 -5.28 -17.86 -13.71
N LEU A 44 -4.89 -17.48 -14.93
CA LEU A 44 -4.14 -18.34 -15.89
C LEU A 44 -2.91 -18.93 -15.18
N ALA A 45 -2.74 -20.26 -15.25
CA ALA A 45 -1.48 -20.96 -14.87
C ALA A 45 -0.30 -20.23 -15.54
N GLY A 46 0.79 -20.02 -14.80
CA GLY A 46 2.02 -19.38 -15.31
C GLY A 46 1.88 -17.88 -15.49
N SER A 47 0.71 -17.29 -15.19
CA SER A 47 0.44 -15.84 -15.32
C SER A 47 0.76 -15.12 -14.00
N VAL A 48 1.09 -13.83 -14.12
CA VAL A 48 1.50 -12.94 -13.01
C VAL A 48 0.32 -12.82 -12.03
N ASP A 49 -0.90 -12.73 -12.55
CA ASP A 49 -2.15 -12.78 -11.76
C ASP A 49 -2.07 -13.96 -10.78
N GLU A 50 -1.54 -15.10 -11.22
CA GLU A 50 -1.46 -16.36 -10.43
C GLU A 50 -0.35 -16.23 -9.38
N GLN A 51 0.80 -15.67 -9.78
CA GLN A 51 2.00 -15.55 -8.91
C GLN A 51 1.72 -14.53 -7.80
N ASN A 52 1.13 -13.39 -8.19
CA ASN A 52 0.52 -12.39 -7.27
C ASN A 52 -0.31 -13.14 -6.22
N ALA A 53 -1.30 -13.91 -6.70
CA ALA A 53 -2.16 -14.76 -5.86
C ALA A 53 -1.25 -15.60 -4.96
N LEU A 54 -0.22 -16.19 -5.56
CA LEU A 54 0.69 -17.15 -4.89
C LEU A 54 1.52 -16.43 -3.81
N ARG A 55 2.06 -15.25 -4.11
CA ARG A 55 2.88 -14.43 -3.18
C ARG A 55 2.04 -13.98 -1.96
N GLU A 56 0.78 -13.63 -2.18
CA GLU A 56 -0.20 -13.16 -1.16
C GLU A 56 -0.47 -14.29 -0.16
N VAL A 57 -0.64 -15.52 -0.65
CA VAL A 57 -0.88 -16.74 0.17
C VAL A 57 0.24 -16.85 1.20
N TYR A 58 1.48 -16.76 0.71
CA TYR A 58 2.72 -16.97 1.49
C TYR A 58 2.86 -15.85 2.54
N ALA A 59 2.66 -14.60 2.12
CA ALA A 59 2.79 -13.38 2.94
C ALA A 59 1.76 -13.38 4.08
N HIS A 60 0.55 -13.85 3.77
CA HIS A 60 -0.55 -14.05 4.76
C HIS A 60 -0.11 -15.10 5.79
N ALA A 61 0.45 -16.22 5.31
CA ALA A 61 0.95 -17.35 6.14
C ALA A 61 2.02 -16.87 7.14
N VAL A 62 2.95 -16.02 6.69
CA VAL A 62 4.14 -15.61 7.48
C VAL A 62 3.75 -14.53 8.49
N LEU A 63 3.08 -13.47 8.05
CA LEU A 63 2.97 -12.20 8.80
C LEU A 63 2.05 -12.35 10.02
N GLY A 64 0.99 -13.16 9.93
CA GLY A 64 -0.10 -13.12 10.90
C GLY A 64 -0.69 -11.71 10.98
N GLN A 65 -0.80 -11.13 12.18
CA GLN A 65 -1.62 -9.92 12.47
C GLN A 65 -0.76 -8.74 12.92
N HIS A 66 -1.04 -7.54 12.37
CA HIS A 66 -0.43 -6.26 12.79
C HIS A 66 -1.43 -5.12 12.64
N SER A 67 -1.39 -4.19 13.60
CA SER A 67 -2.26 -2.99 13.69
C SER A 67 -2.30 -2.24 12.34
N HIS A 68 -1.15 -2.08 11.68
CA HIS A 68 -0.99 -1.24 10.46
C HIS A 68 -0.95 -2.09 9.17
N VAL A 69 -1.34 -3.37 9.24
CA VAL A 69 -1.48 -4.27 8.05
C VAL A 69 -2.92 -4.77 8.02
N VAL A 70 -3.65 -4.49 6.93
CA VAL A 70 -5.02 -5.01 6.69
C VAL A 70 -4.99 -6.50 7.01
N ARG A 71 -5.93 -6.99 7.82
CA ARG A 71 -5.89 -8.35 8.40
C ARG A 71 -6.42 -9.36 7.38
N TYR A 72 -5.67 -10.44 7.15
CA TYR A 72 -6.13 -11.64 6.40
C TYR A 72 -6.99 -12.50 7.34
N PHE A 73 -8.13 -12.99 6.86
CA PHE A 73 -9.02 -13.90 7.62
C PHE A 73 -9.09 -15.27 6.94
N SER A 74 -9.30 -15.30 5.63
CA SER A 74 -9.52 -16.57 4.89
C SER A 74 -9.64 -16.33 3.38
N ALA A 75 -9.37 -17.38 2.61
CA ALA A 75 -9.51 -17.47 1.15
C ALA A 75 -9.93 -18.89 0.78
N TRP A 76 -10.63 -19.05 -0.35
CA TRP A 76 -11.09 -20.38 -0.85
C TRP A 76 -11.58 -20.24 -2.30
N ALA A 77 -11.97 -21.35 -2.90
CA ALA A 77 -12.46 -21.44 -4.30
C ALA A 77 -13.88 -21.99 -4.31
N GLU A 78 -14.65 -21.57 -5.32
CA GLU A 78 -15.89 -22.28 -5.75
C GLU A 78 -16.04 -22.02 -7.26
N ASP A 79 -16.18 -23.08 -8.05
CA ASP A 79 -16.56 -23.00 -9.49
C ASP A 79 -15.71 -21.94 -10.19
N ASP A 80 -14.39 -22.16 -10.28
CA ASP A 80 -13.43 -21.35 -11.08
C ASP A 80 -13.57 -19.86 -10.69
N HIS A 81 -13.56 -19.57 -9.40
CA HIS A 81 -13.51 -18.20 -8.80
C HIS A 81 -12.76 -18.27 -7.45
N MET A 82 -11.79 -17.37 -7.23
CA MET A 82 -11.08 -17.15 -5.93
C MET A 82 -11.91 -16.20 -5.06
N LEU A 83 -11.90 -16.42 -3.75
CA LEU A 83 -12.52 -15.51 -2.74
C LEU A 83 -11.52 -15.28 -1.62
N ILE A 84 -11.32 -14.02 -1.22
CA ILE A 84 -10.41 -13.65 -0.08
C ILE A 84 -11.21 -12.77 0.91
N GLN A 85 -11.34 -13.22 2.15
CA GLN A 85 -12.01 -12.51 3.27
C GLN A 85 -10.93 -11.78 4.09
N ASN A 86 -10.94 -10.45 4.03
CA ASN A 86 -10.06 -9.54 4.81
C ASN A 86 -10.89 -8.62 5.71
N GLU A 87 -10.25 -8.00 6.70
CA GLU A 87 -10.87 -6.94 7.52
C GLU A 87 -11.39 -5.88 6.54
N TYR A 88 -12.46 -5.16 6.93
CA TYR A 88 -13.07 -4.05 6.17
C TYR A 88 -12.63 -2.72 6.79
N CYS A 89 -12.00 -1.83 6.03
CA CYS A 89 -11.60 -0.47 6.46
C CYS A 89 -12.60 0.58 5.94
N ASN A 90 -13.37 1.21 6.84
CA ASN A 90 -14.62 1.98 6.52
C ASN A 90 -14.29 3.27 5.74
N GLY A 91 -13.07 3.82 5.90
CA GLY A 91 -12.65 5.08 5.26
C GLY A 91 -12.10 4.89 3.86
N GLY A 92 -12.07 3.65 3.36
CA GLY A 92 -11.65 3.32 1.99
C GLY A 92 -10.13 3.40 1.82
N SER A 93 -9.65 3.40 0.57
CA SER A 93 -8.21 3.51 0.24
C SER A 93 -7.81 4.98 0.30
N LEU A 94 -6.54 5.24 0.55
CA LEU A 94 -6.00 6.62 0.54
C LEU A 94 -6.23 7.26 -0.84
N ALA A 95 -6.14 6.47 -1.92
CA ALA A 95 -6.44 6.91 -3.30
C ALA A 95 -7.84 7.54 -3.33
N ASP A 96 -8.83 6.93 -2.68
CA ASP A 96 -10.22 7.46 -2.60
C ASP A 96 -10.18 8.77 -1.81
N ALA A 97 -9.70 8.70 -0.56
CA ALA A 97 -9.60 9.84 0.38
C ALA A 97 -8.97 11.05 -0.32
N ILE A 98 -8.00 10.83 -1.21
CA ILE A 98 -7.27 11.91 -1.93
C ILE A 98 -8.20 12.53 -2.98
N SER A 99 -8.98 11.71 -3.70
CA SER A 99 -10.03 12.16 -4.64
C SER A 99 -11.03 13.03 -3.88
N GLU A 100 -11.59 12.48 -2.80
CA GLU A 100 -12.47 13.21 -1.85
C GLU A 100 -11.85 14.58 -1.55
N ASN A 101 -10.53 14.63 -1.34
CA ASN A 101 -9.78 15.85 -0.95
C ASN A 101 -9.66 16.80 -2.15
N TYR A 102 -9.61 16.28 -3.38
CA TYR A 102 -9.75 17.08 -4.64
C TYR A 102 -11.10 17.80 -4.62
N ARG A 103 -12.16 17.02 -4.36
CA ARG A 103 -13.58 17.38 -4.60
C ARG A 103 -14.02 18.49 -3.63
N ILE A 104 -13.42 18.56 -2.43
CA ILE A 104 -13.75 19.57 -1.40
C ILE A 104 -12.60 20.59 -1.28
N MET A 105 -11.72 20.63 -2.30
CA MET A 105 -10.59 21.60 -2.43
C MET A 105 -9.73 21.60 -1.15
N SER A 106 -9.79 20.52 -0.37
CA SER A 106 -8.98 20.31 0.86
C SER A 106 -7.74 19.51 0.47
N TYR A 107 -6.99 19.06 1.48
CA TYR A 107 -5.82 18.15 1.34
C TYR A 107 -5.49 17.65 2.73
N PHE A 108 -4.43 16.85 2.86
CA PHE A 108 -3.89 16.42 4.17
C PHE A 108 -3.01 17.55 4.70
N LYS A 109 -3.39 18.17 5.81
CA LYS A 109 -2.55 19.19 6.51
C LYS A 109 -1.30 18.45 7.01
N GLU A 110 -0.17 19.16 7.12
CA GLU A 110 1.16 18.60 7.46
C GLU A 110 1.04 17.56 8.60
N ALA A 111 0.27 17.86 9.65
CA ALA A 111 0.05 17.00 10.83
C ALA A 111 -0.41 15.60 10.40
N GLU A 112 -1.31 15.55 9.42
CA GLU A 112 -1.94 14.31 8.92
C GLU A 112 -0.95 13.60 8.00
N LEU A 113 -0.20 14.36 7.19
CA LEU A 113 0.88 13.81 6.34
C LEU A 113 1.90 13.11 7.23
N LYS A 114 2.35 13.79 8.28
CA LYS A 114 3.25 13.22 9.32
C LYS A 114 2.60 11.98 9.92
N ASP A 115 1.32 12.07 10.31
CA ASP A 115 0.56 10.94 10.90
C ASP A 115 0.55 9.78 9.90
N LEU A 116 0.14 10.06 8.67
CA LEU A 116 0.15 9.10 7.55
C LEU A 116 1.54 8.43 7.47
N LEU A 117 2.59 9.21 7.27
CA LEU A 117 3.97 8.68 7.07
C LEU A 117 4.33 7.69 8.19
N LEU A 118 4.20 8.10 9.46
CA LEU A 118 4.66 7.31 10.62
C LEU A 118 3.91 5.97 10.68
N GLN A 119 2.58 6.00 10.56
CA GLN A 119 1.70 4.80 10.67
C GLN A 119 2.07 3.75 9.60
N VAL A 120 2.11 4.13 8.32
CA VAL A 120 2.54 3.22 7.22
C VAL A 120 4.00 2.83 7.47
N GLY A 121 4.82 3.73 8.03
CA GLY A 121 6.14 3.41 8.59
C GLY A 121 6.13 2.21 9.55
N ARG A 122 5.24 2.16 10.55
CA ARG A 122 5.27 1.06 11.54
C ARG A 122 4.98 -0.24 10.80
N GLY A 123 4.10 -0.18 9.80
CA GLY A 123 3.69 -1.35 8.99
C GLY A 123 4.89 -1.95 8.30
N LEU A 124 5.61 -1.11 7.57
CA LEU A 124 6.85 -1.52 6.87
C LEU A 124 7.86 -2.05 7.88
N ARG A 125 8.02 -1.40 9.04
CA ARG A 125 8.99 -1.87 10.06
C ARG A 125 8.71 -3.35 10.33
N TYR A 126 7.46 -3.69 10.68
CA TYR A 126 7.07 -5.07 11.02
C TYR A 126 7.42 -5.97 9.83
N ILE A 127 6.98 -5.61 8.62
CA ILE A 127 7.14 -6.45 7.39
C ILE A 127 8.63 -6.65 7.13
N HIS A 128 9.42 -5.58 7.12
CA HIS A 128 10.88 -5.66 6.85
C HIS A 128 11.54 -6.50 7.95
N SER A 129 11.14 -6.27 9.21
CA SER A 129 11.61 -7.03 10.41
C SER A 129 11.46 -8.53 10.13
N MET A 130 10.40 -8.90 9.40
CA MET A 130 10.09 -10.32 9.04
C MET A 130 10.75 -10.68 7.70
N SER A 131 11.79 -9.97 7.27
CA SER A 131 12.64 -10.33 6.12
C SER A 131 11.80 -10.42 4.83
N LEU A 132 10.74 -9.61 4.75
CA LEU A 132 9.85 -9.46 3.57
C LEU A 132 9.91 -8.00 3.14
N VAL A 133 9.49 -7.74 1.90
CA VAL A 133 9.26 -6.36 1.37
C VAL A 133 7.96 -6.36 0.56
N HIS A 134 7.23 -5.23 0.57
CA HIS A 134 5.87 -5.08 0.00
C HIS A 134 5.91 -4.95 -1.52
N MET A 135 6.64 -3.96 -2.01
CA MET A 135 7.01 -3.83 -3.44
C MET A 135 5.85 -3.30 -4.29
N ASP A 136 4.75 -2.88 -3.68
CA ASP A 136 3.74 -2.05 -4.39
C ASP A 136 3.04 -1.10 -3.42
N ILE A 137 3.79 -0.18 -2.82
CA ILE A 137 3.23 0.83 -1.87
C ILE A 137 2.66 1.98 -2.69
N LYS A 138 1.42 2.39 -2.42
CA LYS A 138 0.71 3.43 -3.20
C LYS A 138 -0.66 3.68 -2.60
N PRO A 139 -1.20 4.91 -2.74
CA PRO A 139 -2.46 5.29 -2.08
C PRO A 139 -3.58 4.26 -2.28
N SER A 140 -3.70 3.77 -3.51
CA SER A 140 -4.58 2.64 -3.95
C SER A 140 -4.50 1.46 -2.97
N ASN A 141 -3.34 1.17 -2.35
CA ASN A 141 -3.12 -0.03 -1.50
C ASN A 141 -2.92 0.34 -0.01
N ILE A 142 -3.22 1.59 0.36
CA ILE A 142 -3.31 1.99 1.81
C ILE A 142 -4.79 2.18 2.15
N PHE A 143 -5.20 1.63 3.29
CA PHE A 143 -6.62 1.56 3.74
C PHE A 143 -6.74 2.29 5.09
N ILE A 144 -7.94 2.79 5.38
CA ILE A 144 -8.23 3.79 6.46
C ILE A 144 -9.41 3.27 7.30
N SER A 145 -9.15 2.97 8.58
CA SER A 145 -10.16 2.58 9.61
C SER A 145 -10.38 3.71 10.60
N ARG A 146 -11.54 4.37 10.54
CA ARG A 146 -11.93 5.55 11.36
C ARG A 146 -12.83 5.10 12.52
N THR A 147 -13.01 5.97 13.53
CA THR A 147 -13.97 5.81 14.68
C THR A 147 -14.87 7.05 14.76
N ASN A 165 -11.88 12.07 15.02
CA ASN A 165 -11.40 11.12 16.06
C ASN A 165 -10.18 10.38 15.52
N LYS A 166 -9.94 9.15 15.99
CA LYS A 166 -8.75 8.34 15.60
C LYS A 166 -8.84 7.94 14.13
N VAL A 167 -7.67 7.68 13.55
CA VAL A 167 -7.46 7.19 12.16
C VAL A 167 -6.30 6.19 12.19
N MET A 168 -6.55 4.97 11.74
CA MET A 168 -5.54 3.88 11.64
C MET A 168 -5.28 3.62 10.15
N PHE A 169 -4.04 3.82 9.69
CA PHE A 169 -3.61 3.50 8.30
C PHE A 169 -3.08 2.07 8.25
N LYS A 170 -3.56 1.31 7.26
CA LYS A 170 -3.34 -0.15 7.14
C LYS A 170 -2.88 -0.47 5.72
N ILE A 171 -1.72 -1.11 5.61
CA ILE A 171 -1.13 -1.59 4.32
C ILE A 171 -1.89 -2.83 3.85
N GLY A 172 -2.37 -2.80 2.60
CA GLY A 172 -3.06 -3.94 1.96
C GLY A 172 -2.36 -4.40 0.69
N ASP A 173 -3.02 -5.31 -0.03
CA ASP A 173 -2.63 -5.90 -1.34
C ASP A 173 -1.18 -6.37 -1.28
N LEU A 174 -0.96 -7.61 -0.87
CA LEU A 174 0.39 -8.21 -0.72
C LEU A 174 0.74 -9.07 -1.94
N GLY A 175 0.10 -8.81 -3.08
CA GLY A 175 0.33 -9.52 -4.36
C GLY A 175 1.78 -9.50 -4.78
N HIS A 176 2.53 -8.47 -4.37
CA HIS A 176 3.93 -8.19 -4.77
C HIS A 176 4.91 -8.40 -3.60
N VAL A 177 4.49 -8.98 -2.48
CA VAL A 177 5.40 -9.21 -1.31
C VAL A 177 6.36 -10.32 -1.69
N THR A 178 7.66 -10.10 -1.51
CA THR A 178 8.70 -11.14 -1.73
C THR A 178 9.75 -11.10 -0.61
N ARG A 179 10.61 -12.11 -0.54
CA ARG A 179 11.65 -12.21 0.51
C ARG A 179 12.81 -11.28 0.15
N ILE A 180 13.44 -10.68 1.16
CA ILE A 180 14.72 -9.92 1.01
C ILE A 180 15.72 -10.88 0.37
N SER A 181 15.82 -12.11 0.89
CA SER A 181 16.87 -13.12 0.57
C SER A 181 16.81 -13.46 -0.93
N SER A 182 15.76 -14.16 -1.35
CA SER A 182 15.59 -14.67 -2.74
C SER A 182 14.45 -13.91 -3.42
N PRO A 183 14.64 -12.62 -3.77
CA PRO A 183 13.54 -11.80 -4.27
C PRO A 183 13.00 -12.22 -5.66
N GLN A 184 11.73 -12.64 -5.70
CA GLN A 184 10.92 -12.80 -6.93
C GLN A 184 10.13 -11.51 -7.17
N VAL A 185 10.68 -10.61 -7.98
CA VAL A 185 10.20 -9.19 -8.11
C VAL A 185 9.22 -9.08 -9.29
N GLU A 186 7.94 -8.93 -8.96
CA GLU A 186 6.89 -8.37 -9.86
C GLU A 186 6.97 -6.85 -9.72
N GLU A 187 7.24 -6.14 -10.83
CA GLU A 187 7.41 -4.67 -10.83
C GLU A 187 6.09 -4.02 -10.38
N GLY A 188 6.16 -3.22 -9.31
CA GLY A 188 5.03 -2.41 -8.80
C GLY A 188 4.61 -1.36 -9.82
N ASP A 189 3.64 -0.52 -9.46
CA ASP A 189 3.22 0.65 -10.27
C ASP A 189 4.46 1.46 -10.62
N SER A 190 4.60 1.90 -11.88
CA SER A 190 5.83 2.59 -12.37
C SER A 190 5.91 3.99 -11.76
N ARG A 191 4.78 4.57 -11.34
CA ARG A 191 4.70 5.95 -10.82
C ARG A 191 5.45 6.05 -9.48
N PHE A 192 5.56 4.94 -8.76
CA PHE A 192 6.08 4.85 -7.37
C PHE A 192 7.38 4.05 -7.30
N LEU A 193 7.82 3.51 -8.44
CA LEU A 193 8.95 2.54 -8.53
C LEU A 193 10.27 3.30 -8.47
N ALA A 194 11.19 2.87 -7.61
CA ALA A 194 12.54 3.47 -7.45
C ALA A 194 13.38 3.04 -8.66
N ASN A 195 14.29 3.91 -9.12
CA ASN A 195 15.09 3.69 -10.35
C ASN A 195 15.84 2.35 -10.25
N GLU A 196 16.43 2.07 -9.09
CA GLU A 196 17.34 0.91 -8.87
C GLU A 196 16.58 -0.41 -8.99
N VAL A 197 15.24 -0.39 -9.01
CA VAL A 197 14.41 -1.61 -9.20
C VAL A 197 14.14 -1.79 -10.70
N LEU A 198 13.94 -0.68 -11.43
CA LEU A 198 13.81 -0.69 -12.90
C LEU A 198 15.12 -1.21 -13.52
N GLN A 199 16.27 -0.92 -12.88
CA GLN A 199 17.63 -1.39 -13.28
C GLN A 199 17.81 -2.86 -12.89
N GLU A 200 16.89 -3.43 -12.12
CA GLU A 200 16.87 -4.85 -11.68
C GLU A 200 17.87 -5.06 -10.53
N ASN A 201 18.33 -3.99 -9.88
CA ASN A 201 19.14 -4.07 -8.65
C ASN A 201 18.22 -4.29 -7.45
N TYR A 202 18.25 -5.51 -6.89
CA TYR A 202 17.33 -5.99 -5.84
C TYR A 202 18.09 -6.14 -4.51
N THR A 203 19.11 -5.31 -4.27
CA THR A 203 20.02 -5.48 -3.11
C THR A 203 19.55 -4.63 -1.93
N HIS A 204 18.67 -3.64 -2.16
CA HIS A 204 18.18 -2.72 -1.10
C HIS A 204 16.65 -2.51 -1.19
N LEU A 205 15.87 -3.57 -1.50
CA LEU A 205 14.41 -3.47 -1.77
C LEU A 205 13.67 -2.82 -0.60
N PRO A 206 14.04 -3.09 0.68
CA PRO A 206 13.49 -2.32 1.80
C PRO A 206 13.42 -0.81 1.53
N LYS A 207 14.42 -0.25 0.85
CA LYS A 207 14.52 1.20 0.56
C LYS A 207 13.67 1.56 -0.66
N ALA A 208 13.15 0.58 -1.40
CA ALA A 208 12.20 0.81 -2.52
C ALA A 208 10.79 1.03 -1.96
N ASP A 209 10.38 0.23 -0.99
CA ASP A 209 9.16 0.48 -0.17
C ASP A 209 9.24 1.92 0.38
N ILE A 210 10.39 2.30 0.96
CA ILE A 210 10.62 3.67 1.53
C ILE A 210 10.40 4.70 0.41
N PHE A 211 11.02 4.52 -0.75
CA PHE A 211 10.86 5.43 -1.92
C PHE A 211 9.37 5.61 -2.22
N ALA A 212 8.67 4.49 -2.38
CA ALA A 212 7.24 4.46 -2.71
C ALA A 212 6.43 5.23 -1.66
N LEU A 213 6.80 5.12 -0.37
CA LEU A 213 6.02 5.75 0.72
C LEU A 213 6.12 7.27 0.62
N ALA A 214 7.31 7.81 0.37
CA ALA A 214 7.48 9.26 0.13
C ALA A 214 6.49 9.71 -0.95
N LEU A 215 6.60 9.18 -2.18
CA LEU A 215 5.72 9.61 -3.28
C LEU A 215 4.25 9.42 -2.87
N THR A 216 3.93 8.33 -2.14
CA THR A 216 2.55 8.12 -1.63
C THR A 216 2.14 9.38 -0.87
N VAL A 217 3.00 9.78 0.08
CA VAL A 217 2.76 10.98 0.96
C VAL A 217 2.63 12.23 0.09
N VAL A 218 3.52 12.42 -0.88
CA VAL A 218 3.46 13.56 -1.83
C VAL A 218 2.07 13.63 -2.50
N CYS A 219 1.48 12.49 -2.90
CA CYS A 219 0.12 12.44 -3.51
C CYS A 219 -0.92 13.00 -2.53
N ALA A 220 -0.76 12.67 -1.25
CA ALA A 220 -1.68 13.05 -0.15
C ALA A 220 -1.64 14.57 0.07
N ALA A 221 -0.50 15.20 -0.23
CA ALA A 221 -0.25 16.66 -0.09
C ALA A 221 -0.98 17.44 -1.19
N GLY A 222 -1.44 16.73 -2.23
CA GLY A 222 -2.15 17.33 -3.38
C GLY A 222 -1.22 17.55 -4.55
N ALA A 223 -0.10 16.82 -4.60
CA ALA A 223 0.79 16.77 -5.78
C ALA A 223 -0.03 16.43 -7.03
N GLU A 224 0.38 16.94 -8.18
CA GLU A 224 -0.30 16.63 -9.47
C GLU A 224 -0.03 15.16 -9.80
N PRO A 225 -0.96 14.47 -10.49
CA PRO A 225 -0.78 13.06 -10.82
C PRO A 225 0.65 12.77 -11.30
N LEU A 226 1.30 11.78 -10.67
CA LEU A 226 2.73 11.42 -10.81
C LEU A 226 2.97 10.83 -12.20
N PRO A 227 4.12 11.14 -12.84
CA PRO A 227 4.47 10.53 -14.13
C PRO A 227 4.73 9.02 -14.02
N ARG A 228 4.43 8.26 -15.09
CA ARG A 228 4.72 6.80 -15.21
C ARG A 228 6.08 6.63 -15.90
N ASN A 229 6.59 7.71 -16.51
CA ASN A 229 7.71 7.70 -17.48
C ASN A 229 7.92 9.15 -17.97
N GLY A 230 8.85 9.36 -18.91
CA GLY A 230 9.15 10.68 -19.51
C GLY A 230 10.02 11.54 -18.61
N ASP A 231 10.32 12.76 -19.05
CA ASP A 231 11.28 13.70 -18.40
C ASP A 231 10.98 13.82 -16.91
N GLN A 232 9.72 14.09 -16.57
CA GLN A 232 9.29 14.44 -15.19
C GLN A 232 9.59 13.25 -14.26
N TRP A 233 9.61 12.04 -14.81
CA TRP A 233 9.89 10.76 -14.10
C TRP A 233 11.35 10.67 -13.67
N HIS A 234 12.30 10.85 -14.59
CA HIS A 234 13.75 10.75 -14.29
C HIS A 234 14.14 11.90 -13.36
N GLU A 235 13.58 13.10 -13.57
CA GLU A 235 13.70 14.28 -12.67
C GLU A 235 13.47 13.86 -11.22
N ILE A 236 12.37 13.14 -10.95
CA ILE A 236 11.95 12.68 -9.59
C ILE A 236 13.02 11.73 -9.03
N ARG A 237 13.36 10.69 -9.80
CA ARG A 237 14.31 9.63 -9.43
C ARG A 237 15.72 10.22 -9.25
N GLN A 238 15.94 11.48 -9.66
CA GLN A 238 17.22 12.20 -9.45
C GLN A 238 17.20 12.89 -8.08
N GLY A 239 16.05 12.81 -7.37
CA GLY A 239 15.91 13.22 -5.96
C GLY A 239 15.12 14.52 -5.83
N ARG A 240 14.63 15.04 -6.96
CA ARG A 240 13.75 16.24 -7.03
C ARG A 240 12.33 15.88 -6.59
N LEU A 241 11.92 16.38 -5.42
CA LEU A 241 10.54 16.23 -4.91
C LEU A 241 9.57 16.89 -5.90
N PRO A 242 8.49 16.22 -6.34
CA PRO A 242 7.49 16.87 -7.19
C PRO A 242 6.85 18.05 -6.45
N ARG A 243 6.38 19.05 -7.20
CA ARG A 243 5.81 20.27 -6.60
C ARG A 243 4.54 19.90 -5.82
N ILE A 244 4.39 20.47 -4.64
CA ILE A 244 3.19 20.32 -3.77
C ILE A 244 2.48 21.68 -3.74
N PRO A 245 1.13 21.72 -3.82
CA PRO A 245 0.40 22.98 -3.76
C PRO A 245 0.72 23.67 -2.42
N GLN A 246 0.34 23.04 -1.30
CA GLN A 246 0.46 23.58 0.08
C GLN A 246 1.93 23.68 0.51
N VAL A 247 2.18 24.47 1.56
CA VAL A 247 3.52 24.77 2.13
C VAL A 247 3.77 23.83 3.31
N LEU A 248 4.98 23.26 3.37
CA LEU A 248 5.39 22.24 4.38
C LEU A 248 6.72 22.67 5.02
N SER A 249 6.95 22.25 6.27
CA SER A 249 8.14 22.62 7.09
C SER A 249 9.43 22.11 6.42
N GLN A 250 10.49 22.91 6.49
CA GLN A 250 11.87 22.56 6.06
C GLN A 250 12.23 21.17 6.58
N GLU A 251 12.07 20.95 7.89
CA GLU A 251 12.37 19.65 8.58
C GLU A 251 11.72 18.51 7.79
N PHE A 252 10.45 18.68 7.45
CA PHE A 252 9.58 17.65 6.83
C PHE A 252 9.95 17.48 5.35
N THR A 253 10.01 18.60 4.60
CA THR A 253 10.36 18.66 3.17
C THR A 253 11.67 17.91 2.92
N GLU A 254 12.68 18.09 3.79
CA GLU A 254 14.01 17.44 3.65
C GLU A 254 13.90 15.94 3.94
N LEU A 255 12.98 15.51 4.80
CA LEU A 255 12.81 14.09 5.16
C LEU A 255 12.23 13.32 3.97
N LEU A 256 11.24 13.92 3.30
CA LEU A 256 10.65 13.37 2.06
C LEU A 256 11.73 13.31 0.99
N LYS A 257 12.56 14.35 0.90
CA LYS A 257 13.63 14.49 -0.11
C LYS A 257 14.63 13.33 0.04
N VAL A 258 15.05 13.03 1.27
CA VAL A 258 16.09 11.99 1.54
C VAL A 258 15.49 10.61 1.27
N MET A 259 14.18 10.47 1.47
CA MET A 259 13.42 9.21 1.27
C MET A 259 13.40 8.84 -0.21
N ILE A 260 13.62 9.80 -1.09
CA ILE A 260 13.74 9.57 -2.56
C ILE A 260 15.16 9.92 -3.01
N HIS A 261 16.16 9.73 -2.15
CA HIS A 261 17.57 9.97 -2.53
C HIS A 261 17.93 8.95 -3.60
N PRO A 262 18.65 9.35 -4.66
CA PRO A 262 19.16 8.42 -5.68
C PRO A 262 19.83 7.17 -5.10
N ASP A 263 20.71 7.36 -4.11
CA ASP A 263 21.40 6.26 -3.40
C ASP A 263 20.45 5.70 -2.36
N PRO A 264 20.00 4.44 -2.49
CA PRO A 264 19.02 3.87 -1.57
C PRO A 264 19.55 3.70 -0.15
N GLU A 265 20.85 3.43 -0.01
CA GLU A 265 21.52 3.34 1.32
C GLU A 265 21.30 4.65 2.07
N ARG A 266 21.24 5.78 1.35
CA ARG A 266 21.10 7.14 1.92
C ARG A 266 19.65 7.40 2.36
N ARG A 267 18.70 6.57 1.93
CA ARG A 267 17.31 6.64 2.43
C ARG A 267 17.25 6.01 3.80
N PRO A 268 16.38 6.52 4.70
CA PRO A 268 16.16 5.88 6.00
C PRO A 268 15.48 4.52 5.90
N SER A 269 15.86 3.56 6.75
CA SER A 269 15.14 2.28 6.98
C SER A 269 13.79 2.56 7.65
N ALA A 270 12.88 1.60 7.62
CA ALA A 270 11.58 1.66 8.35
C ALA A 270 11.87 1.97 9.82
N MET A 271 12.66 1.12 10.47
CA MET A 271 13.13 1.28 11.87
C MET A 271 13.58 2.74 12.07
N ALA A 272 14.53 3.19 11.25
CA ALA A 272 15.05 4.57 11.24
C ALA A 272 13.88 5.56 11.16
N LEU A 273 13.01 5.39 10.16
CA LEU A 273 11.91 6.34 9.82
C LEU A 273 11.01 6.56 11.03
N VAL A 274 10.64 5.49 11.75
CA VAL A 274 9.68 5.55 12.90
C VAL A 274 10.43 5.96 14.19
N LYS A 275 11.63 6.56 14.08
CA LYS A 275 12.39 7.16 15.21
C LYS A 275 12.92 8.53 14.80
N HIS A 276 12.02 9.47 14.50
CA HIS A 276 12.31 10.79 13.89
C HIS A 276 11.47 11.87 14.58
N SER A 277 12.12 12.90 15.14
CA SER A 277 11.52 13.98 15.97
C SER A 277 10.40 14.69 15.20
N VAL A 278 10.66 14.94 13.90
CA VAL A 278 9.73 15.62 12.95
C VAL A 278 8.37 14.89 12.94
N LEU A 279 8.31 13.65 13.44
CA LEU A 279 7.08 12.82 13.44
C LEU A 279 6.58 12.60 14.88
N LEU A 280 5.25 12.62 15.05
CA LEU A 280 4.49 12.30 16.30
C LEU A 280 3.36 11.33 15.95
N1 05J B . -16.45 4.71 -2.66
C5 05J B . -14.39 3.53 -1.97
C6 05J B . -15.14 4.18 -3.14
C7 05J B . -17.16 5.46 -3.71
C8 05J B . -14.51 1.64 -0.43
C10 05J B . -12.65 0.18 0.13
C13 05J B . -14.96 1.49 0.89
C15 05J B . -11.61 -1.80 2.24
C17 05J B . -10.67 -3.32 0.80
C26 05J B . -10.08 -7.05 -1.03
C28 05J B . -10.53 -3.47 -1.61
C2 05J B . -17.28 3.62 -2.14
C3 05J B . -16.54 2.91 -0.99
N4 05J B . -15.19 2.44 -1.38
C9 05J B . -13.34 0.96 -0.78
C11 05J B . -13.12 0.02 1.43
C12 05J B . -14.27 0.70 1.79
N14 05J B . -12.47 -0.74 2.44
N16 05J B . -11.45 -2.29 1.02
C18 05J B . -9.93 -3.88 1.88
C19 05J B . -10.14 -3.37 3.16
N20 05J B . -10.98 -2.33 3.29
N21 05J B . -10.29 -3.98 -0.34
N22 05J B . -9.47 -5.05 -0.01
C23 05J B . -9.17 -5.00 1.31
O24 05J B . -8.48 -5.81 1.91
C25 05J B . -8.96 -6.06 -0.91
C27 05J B . -10.33 -7.89 -0.06
C29 05J B . -11.69 -2.79 -1.97
C30 05J B . -11.78 -2.29 -3.26
C31 05J B . -10.70 -2.48 -4.13
C32 05J B . -9.58 -3.14 -3.69
N33 05J B . -9.54 -3.60 -2.46
C34 05J B . -10.52 -2.05 -5.56
C35 05J B . -9.07 -2.45 -5.97
C36 05J B . -8.54 -3.25 -4.76
C37 05J B . -8.31 -4.71 -5.11
C38 05J B . -7.06 -4.88 -5.97
O39 05J B . -7.32 -2.68 -4.28
#